data_7P9T
#
_entry.id   7P9T
#
_cell.length_a   68.104
_cell.length_b   132.846
_cell.length_c   67.404
_cell.angle_alpha   90.000
_cell.angle_beta   90.000
_cell.angle_gamma   90.000
#
_symmetry.space_group_name_H-M   'P 21 21 2'
#
loop_
_entity.id
_entity.type
_entity.pdbx_description
1 polymer "5'-nucleotidase"
2 non-polymer 'ZINC ION'
3 non-polymer 'CALCIUM ION'
4 non-polymer "2'-DEOXYCYTIDINE-5'-MONOPHOSPHATE"
5 water water
#
_entity_poly.entity_id   1
_entity_poly.type   'polypeptide(L)'
_entity_poly.pdbx_seq_one_letter_code
;MAHHHHHHVGTGSNDDDDKSPDPWELTILHTNDVHSRLEQTSEDSSKCVDASRCMGGVARLFTKVQQIRRAEPNVLLLDA
GDQYQGTIWFTVYKGAEVAHFMNALRYDAMALGNHEFDNGVEGLIEPLLKEAKFPILSANISASGPLASQISGLYLPYKV
LPVGDEVVGIVGYTSKETPFLSNPGTNLVFEDEITALQPEVDKLKTLNVNKIIALGHSGFEMDKLIAQKVRGVDVVVGGH
SNTFLYTGNPPSKEVPAGKYPFIVTSDDGRKVPVVQAYAFGKYLGYLKIEFDERGNVISSHGNPILLDSSIPEDPSIKAD
INKWRIKLDDYSTQELGKTIVYLDGSSQSCRFRECNMGNLICDAMINNNLRHADEMFWNHVSMCILNGGGIRSPIDERND
GTITWENLAAVLPFGGTFDLVQLKGSTLKKAFEHSVHRYGQSTGEFLQVGGIHVVYDLSRKPGDRVVKLDVLCTSCRVPS
YDPLKMDEVYKVILPNFLANGGDGFQMIKDELLRHDSGDQDINVVSTYISKMKVIYPAVEGRIKFS
;
_entity_poly.pdbx_strand_id   A
#
loop_
_chem_comp.id
_chem_comp.type
_chem_comp.name
_chem_comp.formula
CA non-polymer 'CALCIUM ION' 'Ca 2'
DCM non-polymer 2'-DEOXYCYTIDINE-5'-MONOPHOSPHATE 'C9 H14 N3 O7 P'
ZN non-polymer 'ZINC ION' 'Zn 2'
#
# COMPACT_ATOMS: atom_id res chain seq x y z
N PRO A 23 24.39 25.82 17.26
CA PRO A 23 23.77 24.68 16.52
C PRO A 23 22.30 24.97 16.21
N TRP A 24 21.90 24.81 14.94
CA TRP A 24 20.53 25.05 14.52
C TRP A 24 19.79 23.70 14.46
N GLU A 25 18.67 23.58 15.18
CA GLU A 25 18.00 22.31 15.34
C GLU A 25 16.73 22.25 14.48
N LEU A 26 16.61 21.19 13.68
CA LEU A 26 15.43 21.00 12.82
C LEU A 26 14.66 19.80 13.35
N THR A 27 13.34 19.97 13.42
CA THR A 27 12.47 18.86 13.79
C THR A 27 11.70 18.45 12.52
N ILE A 28 11.95 17.23 12.05
CA ILE A 28 11.28 16.65 10.89
C ILE A 28 10.15 15.77 11.44
N LEU A 29 8.92 16.14 11.11
CA LEU A 29 7.79 15.25 11.34
C LEU A 29 7.41 14.62 10.01
N HIS A 30 7.12 13.31 10.03
CA HIS A 30 6.93 12.68 8.72
C HIS A 30 5.95 11.50 8.78
N THR A 31 5.21 11.31 7.68
CA THR A 31 4.26 10.23 7.49
C THR A 31 4.61 9.60 6.13
N ASN A 32 4.25 8.33 5.99
CA ASN A 32 4.43 7.63 4.73
C ASN A 32 3.41 6.49 4.68
N ASP A 33 2.97 6.15 3.46
CA ASP A 33 2.05 5.01 3.27
C ASP A 33 0.82 5.12 4.16
N VAL A 34 0.25 6.34 4.26
CA VAL A 34 -0.99 6.51 5.02
C VAL A 34 -2.16 5.74 4.42
N HIS A 35 -2.17 5.59 3.07
CA HIS A 35 -3.10 4.66 2.43
C HIS A 35 -4.54 4.89 2.86
N SER A 36 -4.94 6.17 2.80
CA SER A 36 -6.35 6.53 2.84
CA SER A 36 -6.35 6.54 2.84
C SER A 36 -6.94 6.27 4.23
N ARG A 37 -6.10 6.26 5.25
CA ARG A 37 -6.55 6.12 6.64
C ARG A 37 -6.84 7.50 7.22
N LEU A 38 -7.84 8.16 6.63
CA LEU A 38 -8.25 9.51 7.06
C LEU A 38 -8.92 9.45 8.43
N GLU A 39 -9.71 8.41 8.70
CA GLU A 39 -10.28 8.18 10.02
C GLU A 39 -9.33 7.38 10.93
N GLN A 40 -9.55 7.54 12.24
CA GLN A 40 -8.87 6.68 13.19
C GLN A 40 -9.21 5.20 12.90
N THR A 41 -8.27 4.33 13.26
CA THR A 41 -8.33 2.92 12.89
C THR A 41 -8.29 2.06 14.15
N SER A 42 -8.55 0.75 13.97
CA SER A 42 -8.16 -0.16 15.06
C SER A 42 -6.64 -0.22 15.18
N GLU A 43 -6.18 -1.03 16.15
CA GLU A 43 -4.78 -1.27 16.39
C GLU A 43 -4.11 -1.99 15.21
N ASP A 44 -4.83 -2.75 14.38
CA ASP A 44 -4.15 -3.21 13.16
C ASP A 44 -4.66 -2.50 11.92
N SER A 45 -5.07 -1.24 12.07
CA SER A 45 -5.20 -0.38 10.91
C SER A 45 -6.45 -0.71 10.10
N SER A 46 -7.38 -1.42 10.74
CA SER A 46 -8.67 -1.65 10.10
C SER A 46 -9.74 -0.73 10.69
N LYS A 47 -11.02 -1.01 10.40
CA LYS A 47 -12.09 -0.15 10.93
C LYS A 47 -11.97 0.01 12.45
N CYS A 48 -12.13 1.25 12.92
CA CYS A 48 -12.16 1.50 14.36
C CYS A 48 -13.50 1.01 14.94
N VAL A 49 -13.44 0.04 15.88
CA VAL A 49 -14.60 -0.54 16.55
C VAL A 49 -14.66 -0.02 17.99
N ASP A 50 -13.57 -0.16 18.76
CA ASP A 50 -13.60 0.23 20.16
C ASP A 50 -12.82 1.53 20.33
N ALA A 51 -13.53 2.67 20.45
CA ALA A 51 -12.94 4.02 20.46
C ALA A 51 -11.73 4.10 21.37
N SER A 52 -11.83 3.54 22.57
CA SER A 52 -10.78 3.69 23.56
C SER A 52 -9.46 3.07 23.08
N ARG A 53 -9.49 2.27 22.01
CA ARG A 53 -8.28 1.59 21.58
C ARG A 53 -8.01 1.95 20.11
N CYS A 54 -8.65 3.04 19.63
CA CYS A 54 -8.46 3.44 18.23
C CYS A 54 -7.22 4.34 18.10
N MET A 55 -6.71 4.50 16.87
CA MET A 55 -5.39 5.11 16.72
C MET A 55 -5.32 5.85 15.40
N GLY A 56 -4.31 6.74 15.25
CA GLY A 56 -4.16 7.46 13.99
C GLY A 56 -5.39 8.31 13.58
N GLY A 57 -5.51 8.49 12.26
CA GLY A 57 -6.48 9.35 11.62
C GLY A 57 -5.93 10.77 11.56
N VAL A 58 -6.48 11.59 10.67
CA VAL A 58 -5.91 12.92 10.48
CA VAL A 58 -5.96 12.93 10.45
C VAL A 58 -6.30 13.84 11.63
N ALA A 59 -7.42 13.60 12.32
CA ALA A 59 -7.79 14.52 13.40
C ALA A 59 -6.81 14.47 14.57
N ARG A 60 -6.46 13.21 14.97
CA ARG A 60 -5.47 12.99 16.01
C ARG A 60 -4.09 13.47 15.57
N LEU A 61 -3.72 13.20 14.29
CA LEU A 61 -2.44 13.67 13.79
C LEU A 61 -2.39 15.20 13.88
N PHE A 62 -3.48 15.88 13.51
CA PHE A 62 -3.58 17.33 13.66
C PHE A 62 -3.21 17.78 15.08
N THR A 63 -3.85 17.17 16.09
CA THR A 63 -3.55 17.53 17.47
C THR A 63 -2.06 17.46 17.74
N LYS A 64 -1.42 16.36 17.34
CA LYS A 64 -0.02 16.12 17.72
C LYS A 64 0.91 17.09 17.00
N VAL A 65 0.64 17.33 15.73
CA VAL A 65 1.46 18.25 14.93
C VAL A 65 1.34 19.68 15.50
N GLN A 66 0.11 20.07 15.80
CA GLN A 66 -0.11 21.40 16.34
C GLN A 66 0.63 21.52 17.68
N GLN A 67 0.53 20.51 18.58
CA GLN A 67 1.35 20.57 19.81
C GLN A 67 2.84 20.71 19.53
N ILE A 68 3.39 19.90 18.62
CA ILE A 68 4.82 20.03 18.41
C ILE A 68 5.17 21.40 17.82
N ARG A 69 4.36 21.93 16.88
CA ARG A 69 4.67 23.22 16.26
C ARG A 69 4.52 24.39 17.26
N ARG A 70 3.79 24.19 18.35
CA ARG A 70 3.77 25.18 19.43
C ARG A 70 5.07 25.22 20.22
N ALA A 71 5.71 24.07 20.36
CA ALA A 71 6.83 23.87 21.28
C ALA A 71 8.19 24.00 20.58
N GLU A 72 8.31 23.74 19.25
CA GLU A 72 9.63 23.62 18.64
C GLU A 72 9.76 24.65 17.54
N PRO A 73 10.91 25.37 17.41
CA PRO A 73 11.02 26.53 16.50
C PRO A 73 11.02 26.19 15.01
N ASN A 74 11.69 25.09 14.64
CA ASN A 74 11.98 24.88 13.23
C ASN A 74 11.46 23.51 12.82
N VAL A 75 10.25 23.47 12.24
CA VAL A 75 9.50 22.22 12.03
C VAL A 75 9.12 22.09 10.57
N LEU A 76 9.37 20.92 9.99
CA LEU A 76 8.82 20.59 8.70
C LEU A 76 7.94 19.34 8.90
N LEU A 77 6.81 19.34 8.24
CA LEU A 77 5.91 18.19 8.21
C LEU A 77 5.91 17.63 6.79
N LEU A 78 6.47 16.43 6.61
CA LEU A 78 6.71 15.90 5.24
C LEU A 78 5.95 14.59 5.07
N ASP A 79 5.56 14.30 3.82
CA ASP A 79 4.94 13.01 3.58
C ASP A 79 5.71 12.34 2.44
N ALA A 80 6.01 11.05 2.60
CA ALA A 80 6.90 10.36 1.66
C ALA A 80 6.10 9.49 0.66
N GLY A 81 4.82 9.79 0.51
CA GLY A 81 4.02 9.25 -0.59
C GLY A 81 3.10 8.10 -0.18
N ASP A 82 2.24 7.66 -1.12
CA ASP A 82 1.22 6.65 -0.87
C ASP A 82 0.18 7.16 0.15
N GLN A 83 -0.33 8.40 -0.06
CA GLN A 83 -1.57 8.80 0.59
C GLN A 83 -2.72 8.12 -0.16
N TYR A 84 -2.62 8.07 -1.50
CA TYR A 84 -3.66 7.44 -2.32
C TYR A 84 -3.81 5.95 -1.99
N GLN A 85 -5.06 5.46 -2.12
CA GLN A 85 -5.48 4.07 -2.12
C GLN A 85 -5.57 3.40 -0.75
N GLY A 86 -6.68 2.75 -0.40
CA GLY A 86 -6.70 1.96 0.83
C GLY A 86 -8.07 1.80 1.47
N THR A 87 -8.96 2.81 1.38
CA THR A 87 -10.29 2.71 1.95
C THR A 87 -11.32 3.35 1.00
N ILE A 88 -12.61 3.27 1.39
CA ILE A 88 -13.71 3.90 0.68
C ILE A 88 -13.46 5.40 0.51
N TRP A 89 -12.65 6.06 1.38
CA TRP A 89 -12.33 7.45 1.14
C TRP A 89 -11.82 7.70 -0.28
N PHE A 90 -10.78 6.95 -0.67
CA PHE A 90 -10.17 7.07 -1.99
C PHE A 90 -11.15 6.62 -3.06
N THR A 91 -11.91 5.55 -2.76
CA THR A 91 -12.93 5.10 -3.72
C THR A 91 -13.82 6.27 -4.12
N VAL A 92 -14.36 6.99 -3.15
CA VAL A 92 -15.35 8.03 -3.41
C VAL A 92 -14.69 9.33 -3.84
N TYR A 93 -13.65 9.76 -3.09
CA TYR A 93 -13.16 11.12 -3.30
C TYR A 93 -11.94 11.20 -4.23
N LYS A 94 -11.26 10.06 -4.48
CA LYS A 94 -10.28 9.92 -5.57
C LYS A 94 -9.11 10.90 -5.44
N GLY A 95 -8.73 11.14 -4.17
CA GLY A 95 -7.58 12.00 -3.90
C GLY A 95 -8.00 13.42 -3.51
N ALA A 96 -9.29 13.82 -3.67
CA ALA A 96 -9.68 15.18 -3.26
C ALA A 96 -9.59 15.25 -1.72
N GLU A 97 -9.79 14.12 -1.04
CA GLU A 97 -9.70 14.00 0.39
C GLU A 97 -8.23 14.14 0.78
N VAL A 98 -7.31 13.67 -0.07
CA VAL A 98 -5.90 13.83 0.27
C VAL A 98 -5.48 15.34 0.25
N ALA A 99 -5.74 16.03 -0.85
CA ALA A 99 -5.43 17.45 -0.94
C ALA A 99 -6.03 18.20 0.23
N HIS A 100 -7.33 17.96 0.47
CA HIS A 100 -8.08 18.70 1.47
C HIS A 100 -7.48 18.54 2.87
N PHE A 101 -7.31 17.28 3.32
CA PHE A 101 -6.82 17.05 4.68
C PHE A 101 -5.33 17.36 4.80
N MET A 102 -4.55 17.16 3.73
CA MET A 102 -3.12 17.44 3.87
C MET A 102 -2.96 18.95 3.95
N ASN A 103 -3.85 19.65 3.22
CA ASN A 103 -3.82 21.12 3.28
C ASN A 103 -4.17 21.58 4.68
N ALA A 104 -5.20 20.98 5.28
CA ALA A 104 -5.67 21.37 6.61
C ALA A 104 -4.54 21.13 7.61
N LEU A 105 -3.72 20.07 7.44
CA LEU A 105 -2.67 19.78 8.41
C LEU A 105 -1.45 20.66 8.10
N ARG A 106 -1.49 21.39 6.98
CA ARG A 106 -0.35 22.22 6.55
C ARG A 106 0.92 21.41 6.37
N TYR A 107 0.85 20.27 5.66
CA TYR A 107 2.08 19.68 5.13
C TYR A 107 2.96 20.70 4.41
N ASP A 108 4.27 20.50 4.59
CA ASP A 108 5.29 21.36 3.99
C ASP A 108 5.75 20.84 2.62
N ALA A 109 5.74 19.52 2.43
CA ALA A 109 6.09 18.93 1.14
C ALA A 109 5.70 17.45 1.16
N MET A 110 5.53 16.89 -0.03
CA MET A 110 5.19 15.49 -0.21
C MET A 110 5.94 14.96 -1.42
N ALA A 111 6.45 13.72 -1.30
CA ALA A 111 7.03 13.02 -2.45
C ALA A 111 5.96 12.12 -3.06
N LEU A 112 6.03 11.98 -4.39
CA LEU A 112 5.09 11.07 -5.03
C LEU A 112 5.44 9.62 -4.75
N GLY A 113 4.41 8.82 -4.43
CA GLY A 113 4.63 7.39 -4.32
C GLY A 113 4.03 6.61 -5.50
N ASN A 114 4.21 5.27 -5.50
CA ASN A 114 3.65 4.45 -6.58
C ASN A 114 2.12 4.57 -6.64
N HIS A 115 1.43 4.59 -5.48
CA HIS A 115 -0.03 4.48 -5.54
C HIS A 115 -0.65 5.82 -5.99
N GLU A 116 0.15 6.92 -6.02
CA GLU A 116 -0.37 8.20 -6.50
C GLU A 116 -0.65 8.14 -8.02
N PHE A 117 -0.13 7.11 -8.74
CA PHE A 117 -0.47 6.84 -10.16
C PHE A 117 -1.58 5.81 -10.39
N ASP A 118 -2.23 5.34 -9.31
CA ASP A 118 -3.27 4.30 -9.43
C ASP A 118 -4.39 4.71 -10.40
N ASN A 119 -4.76 5.99 -10.40
CA ASN A 119 -5.86 6.39 -11.26
C ASN A 119 -5.27 7.11 -12.48
N GLY A 120 -4.01 6.76 -12.82
CA GLY A 120 -3.39 7.26 -14.04
C GLY A 120 -2.89 8.67 -13.81
N VAL A 121 -2.22 9.25 -14.81
CA VAL A 121 -1.69 10.59 -14.71
CA VAL A 121 -1.68 10.58 -14.63
C VAL A 121 -2.81 11.60 -14.46
N GLU A 122 -3.94 11.40 -15.14
CA GLU A 122 -5.05 12.34 -14.96
C GLU A 122 -5.56 12.33 -13.52
N GLY A 123 -5.48 11.16 -12.86
CA GLY A 123 -6.06 11.00 -11.54
C GLY A 123 -5.12 11.52 -10.45
N LEU A 124 -3.91 11.90 -10.88
CA LEU A 124 -2.93 12.57 -10.04
C LEU A 124 -2.99 14.10 -10.28
N ILE A 125 -2.96 14.51 -11.55
CA ILE A 125 -2.94 15.94 -11.85
C ILE A 125 -4.17 16.64 -11.22
N GLU A 126 -5.38 16.07 -11.36
N GLU A 126 -5.32 16.06 -11.53
CA GLU A 126 -6.58 16.85 -11.05
CA GLU A 126 -6.53 16.44 -10.83
C GLU A 126 -6.86 16.96 -9.54
C GLU A 126 -7.05 15.22 -10.08
N PRO A 127 -7.13 15.84 -8.80
N PRO A 127 -6.92 15.24 -8.73
CA PRO A 127 -7.42 15.93 -7.37
CA PRO A 127 -7.24 16.42 -7.93
C PRO A 127 -6.22 16.47 -6.60
C PRO A 127 -5.92 16.95 -7.36
N LEU A 128 -5.00 16.05 -6.98
CA LEU A 128 -3.86 16.32 -6.08
C LEU A 128 -2.93 17.46 -6.55
N LEU A 129 -2.33 17.33 -7.73
CA LEU A 129 -1.28 18.27 -8.12
C LEU A 129 -1.88 19.66 -8.18
N LYS A 130 -3.14 19.76 -8.61
CA LYS A 130 -3.64 21.10 -8.86
C LYS A 130 -4.23 21.68 -7.59
N GLU A 131 -4.47 20.85 -6.56
CA GLU A 131 -5.15 21.33 -5.38
C GLU A 131 -4.23 21.44 -4.14
N ALA A 132 -3.05 20.81 -4.15
CA ALA A 132 -2.22 20.81 -2.96
C ALA A 132 -1.70 22.22 -2.74
N LYS A 133 -1.59 22.60 -1.46
CA LYS A 133 -1.09 23.92 -1.16
C LYS A 133 0.39 23.86 -0.76
N PHE A 134 1.09 22.73 -1.03
CA PHE A 134 2.49 22.46 -0.69
C PHE A 134 3.12 21.84 -1.94
N PRO A 135 4.45 21.92 -2.07
CA PRO A 135 5.14 21.38 -3.24
C PRO A 135 5.12 19.84 -3.20
N ILE A 136 4.87 19.22 -4.36
CA ILE A 136 4.94 17.77 -4.53
C ILE A 136 6.16 17.45 -5.42
N LEU A 137 6.93 16.45 -4.98
CA LEU A 137 8.30 16.35 -5.45
C LEU A 137 8.56 14.96 -6.01
N SER A 138 9.34 14.97 -7.09
CA SER A 138 10.01 13.77 -7.60
C SER A 138 11.06 14.15 -8.64
N ALA A 139 12.32 13.77 -8.40
CA ALA A 139 13.40 14.16 -9.31
C ALA A 139 13.60 13.12 -10.42
N ASN A 140 12.99 11.94 -10.25
CA ASN A 140 13.42 10.89 -11.20
C ASN A 140 12.29 10.52 -12.14
N ILE A 141 11.26 11.36 -12.24
CA ILE A 141 10.19 11.04 -13.19
C ILE A 141 10.24 12.07 -14.30
N SER A 142 10.30 11.64 -15.56
CA SER A 142 10.35 12.69 -16.59
C SER A 142 9.25 12.41 -17.61
N ALA A 143 8.72 13.45 -18.24
CA ALA A 143 7.55 13.28 -19.09
C ALA A 143 7.93 13.57 -20.53
N SER A 144 7.16 13.07 -21.50
CA SER A 144 7.34 13.53 -22.87
C SER A 144 6.01 13.48 -23.59
N GLY A 145 6.05 13.64 -24.91
CA GLY A 145 4.81 13.65 -25.66
C GLY A 145 4.00 14.84 -25.18
N PRO A 146 2.68 14.85 -25.41
CA PRO A 146 1.84 15.98 -25.00
C PRO A 146 1.67 16.04 -23.49
N LEU A 147 1.93 14.92 -22.80
CA LEU A 147 1.88 14.98 -21.36
C LEU A 147 2.91 15.96 -20.78
N ALA A 148 4.09 16.07 -21.40
CA ALA A 148 5.13 16.97 -20.89
C ALA A 148 4.56 18.39 -20.70
N SER A 149 3.80 18.88 -21.67
CA SER A 149 3.23 20.23 -21.58
C SER A 149 2.15 20.29 -20.52
N GLN A 150 1.37 19.21 -20.40
CA GLN A 150 0.25 19.26 -19.47
C GLN A 150 0.76 19.27 -18.01
N ILE A 151 1.85 18.56 -17.71
CA ILE A 151 2.22 18.36 -16.30
C ILE A 151 3.38 19.26 -15.92
N SER A 152 3.99 19.97 -16.90
CA SER A 152 5.16 20.82 -16.66
C SER A 152 5.00 21.66 -15.38
N GLY A 153 5.95 21.54 -14.45
CA GLY A 153 5.93 22.40 -13.26
C GLY A 153 4.91 22.00 -12.18
N LEU A 154 4.07 20.99 -12.44
CA LEU A 154 3.05 20.60 -11.48
C LEU A 154 3.60 19.64 -10.40
N TYR A 155 4.73 18.99 -10.68
CA TYR A 155 5.56 18.45 -9.60
C TYR A 155 6.99 18.91 -9.88
N LEU A 156 7.86 18.84 -8.86
CA LEU A 156 9.19 19.42 -9.00
C LEU A 156 10.27 18.41 -8.56
N PRO A 157 11.53 18.49 -9.05
CA PRO A 157 12.61 17.62 -8.59
C PRO A 157 12.95 17.95 -7.16
N TYR A 158 12.88 19.25 -6.81
CA TYR A 158 13.22 19.69 -5.45
C TYR A 158 12.51 21.00 -5.13
N LYS A 159 12.49 21.38 -3.85
CA LYS A 159 12.03 22.68 -3.40
C LYS A 159 12.94 23.18 -2.29
N VAL A 160 13.25 24.50 -2.31
CA VAL A 160 13.98 25.09 -1.21
C VAL A 160 13.00 25.80 -0.30
N LEU A 161 12.91 25.42 0.98
CA LEU A 161 11.89 25.95 1.88
C LEU A 161 12.54 26.82 2.95
N PRO A 162 11.98 28.02 3.26
CA PRO A 162 12.44 28.75 4.44
C PRO A 162 11.99 28.03 5.71
N VAL A 163 12.89 27.88 6.68
CA VAL A 163 12.58 27.37 7.99
C VAL A 163 13.26 28.29 9.00
N GLY A 164 12.48 28.89 9.90
CA GLY A 164 13.03 29.97 10.73
C GLY A 164 13.78 30.97 9.85
N ASP A 165 15.04 31.20 10.16
CA ASP A 165 15.85 32.16 9.43
C ASP A 165 16.74 31.49 8.39
N GLU A 166 16.62 30.17 8.29
CA GLU A 166 17.45 29.38 7.40
C GLU A 166 16.65 28.89 6.20
N VAL A 167 17.27 28.06 5.35
CA VAL A 167 16.57 27.33 4.30
C VAL A 167 17.00 25.85 4.30
N VAL A 168 16.06 24.98 3.88
CA VAL A 168 16.30 23.55 3.73
C VAL A 168 15.90 23.13 2.34
N GLY A 169 16.80 22.44 1.61
CA GLY A 169 16.37 21.88 0.34
C GLY A 169 15.78 20.49 0.52
N ILE A 170 14.67 20.19 -0.19
CA ILE A 170 14.11 18.85 -0.17
CA ILE A 170 14.02 18.89 -0.18
C ILE A 170 14.06 18.34 -1.60
N VAL A 171 14.69 17.17 -1.82
N VAL A 171 14.66 17.14 -1.79
CA VAL A 171 14.68 16.55 -3.14
CA VAL A 171 14.70 16.52 -3.11
C VAL A 171 13.86 15.26 -3.07
C VAL A 171 13.87 15.24 -3.07
N GLY A 172 13.00 15.04 -4.08
CA GLY A 172 12.04 13.94 -4.05
C GLY A 172 12.46 12.77 -4.96
N TYR A 173 11.96 11.57 -4.68
CA TYR A 173 12.16 10.47 -5.61
C TYR A 173 11.00 9.51 -5.43
N THR A 174 10.75 8.70 -6.49
CA THR A 174 9.64 7.78 -6.59
C THR A 174 10.13 6.43 -7.10
N SER A 175 9.65 5.31 -6.53
CA SER A 175 10.10 3.97 -6.90
C SER A 175 10.23 3.81 -8.42
N LYS A 176 11.40 3.34 -8.87
CA LYS A 176 11.53 3.09 -10.29
C LYS A 176 10.62 1.93 -10.74
N GLU A 177 10.10 1.14 -9.78
N GLU A 177 10.09 1.16 -9.78
CA GLU A 177 9.21 0.03 -10.12
CA GLU A 177 9.22 0.04 -10.10
C GLU A 177 7.80 0.50 -10.47
C GLU A 177 7.76 0.47 -10.25
N THR A 178 7.49 1.80 -10.23
CA THR A 178 6.13 2.30 -10.34
C THR A 178 5.40 1.86 -11.64
N PRO A 179 6.05 1.85 -12.84
CA PRO A 179 5.37 1.49 -14.09
C PRO A 179 4.92 0.02 -14.07
N PHE A 180 5.53 -0.82 -13.21
CA PHE A 180 5.08 -2.21 -13.13
C PHE A 180 3.97 -2.37 -12.10
N LEU A 181 3.84 -1.41 -11.16
CA LEU A 181 2.98 -1.50 -9.98
C LEU A 181 1.70 -0.70 -10.13
N SER A 182 1.74 0.37 -10.94
CA SER A 182 0.62 1.29 -10.91
C SER A 182 0.31 1.67 -12.34
N ASN A 183 -0.32 2.82 -12.55
CA ASN A 183 -0.76 3.15 -13.90
C ASN A 183 -0.26 4.50 -14.40
N PRO A 184 1.08 4.76 -14.45
CA PRO A 184 1.61 6.06 -14.88
C PRO A 184 1.45 6.34 -16.39
N GLY A 185 1.18 5.28 -17.18
CA GLY A 185 1.04 5.41 -18.62
C GLY A 185 2.40 5.43 -19.32
N THR A 186 2.39 5.50 -20.66
CA THR A 186 3.66 5.38 -21.38
C THR A 186 4.38 6.71 -21.62
N ASN A 187 3.94 7.84 -21.07
CA ASN A 187 4.69 9.07 -21.32
C ASN A 187 5.43 9.53 -20.08
N LEU A 188 5.53 8.67 -19.04
CA LEU A 188 6.39 8.96 -17.91
C LEU A 188 7.51 7.93 -17.91
N VAL A 189 8.75 8.38 -17.80
CA VAL A 189 9.90 7.52 -17.58
C VAL A 189 10.37 7.66 -16.14
N PHE A 190 10.57 6.52 -15.46
CA PHE A 190 11.05 6.55 -14.08
C PHE A 190 12.52 6.16 -14.08
N GLU A 191 13.40 7.12 -13.81
CA GLU A 191 14.84 6.86 -13.92
CA GLU A 191 14.84 6.86 -13.92
C GLU A 191 15.35 6.26 -12.60
N ASP A 192 16.53 5.62 -12.67
CA ASP A 192 17.23 5.12 -11.49
C ASP A 192 17.29 6.26 -10.46
N GLU A 193 17.01 5.96 -9.18
CA GLU A 193 16.88 7.04 -8.21
C GLU A 193 18.21 7.77 -7.99
N ILE A 194 19.26 6.98 -7.73
CA ILE A 194 20.54 7.58 -7.39
C ILE A 194 21.07 8.40 -8.57
N THR A 195 20.95 7.89 -9.81
CA THR A 195 21.40 8.60 -10.99
C THR A 195 20.71 9.97 -11.14
N ALA A 196 19.43 9.96 -10.85
CA ALA A 196 18.62 11.16 -10.99
C ALA A 196 18.91 12.14 -9.85
N LEU A 197 19.10 11.63 -8.64
CA LEU A 197 19.18 12.55 -7.50
C LEU A 197 20.49 13.34 -7.52
N GLN A 198 21.60 12.66 -7.85
CA GLN A 198 22.90 13.33 -7.70
C GLN A 198 22.94 14.72 -8.37
N PRO A 199 22.50 14.86 -9.65
CA PRO A 199 22.57 16.15 -10.32
C PRO A 199 21.74 17.22 -9.59
N GLU A 200 20.59 16.81 -9.00
CA GLU A 200 19.73 17.73 -8.32
C GLU A 200 20.37 18.24 -7.04
N VAL A 201 20.96 17.31 -6.28
CA VAL A 201 21.67 17.69 -5.07
C VAL A 201 22.87 18.58 -5.41
N ASP A 202 23.60 18.27 -6.50
CA ASP A 202 24.66 19.12 -7.01
C ASP A 202 24.10 20.53 -7.32
N LYS A 203 22.92 20.57 -7.94
CA LYS A 203 22.31 21.84 -8.26
C LYS A 203 21.99 22.61 -6.98
N LEU A 204 21.53 21.94 -5.90
CA LEU A 204 21.21 22.63 -4.65
C LEU A 204 22.48 23.24 -4.04
N LYS A 205 23.59 22.49 -4.07
CA LYS A 205 24.86 23.01 -3.58
CA LYS A 205 24.86 23.01 -3.58
C LYS A 205 25.15 24.35 -4.25
N THR A 206 24.99 24.39 -5.58
CA THR A 206 25.26 25.63 -6.30
C THR A 206 24.26 26.74 -5.98
N LEU A 207 23.23 26.51 -5.17
CA LEU A 207 22.38 27.62 -4.77
C LEU A 207 22.67 28.01 -3.32
N ASN A 208 23.81 27.55 -2.76
CA ASN A 208 24.18 27.79 -1.37
C ASN A 208 23.17 27.12 -0.46
N VAL A 209 22.64 25.96 -0.86
CA VAL A 209 21.77 25.24 0.06
C VAL A 209 22.59 24.11 0.68
N ASN A 210 22.85 24.20 1.98
CA ASN A 210 23.75 23.22 2.59
C ASN A 210 23.01 22.22 3.48
N LYS A 211 21.68 22.34 3.57
CA LYS A 211 20.94 21.40 4.43
C LYS A 211 19.92 20.71 3.53
N ILE A 212 20.14 19.42 3.27
CA ILE A 212 19.40 18.73 2.22
C ILE A 212 18.70 17.48 2.77
N ILE A 213 17.36 17.40 2.57
CA ILE A 213 16.60 16.19 2.90
C ILE A 213 16.23 15.48 1.58
N ALA A 214 16.58 14.19 1.45
CA ALA A 214 15.97 13.40 0.40
C ALA A 214 14.67 12.78 0.95
N LEU A 215 13.53 13.12 0.32
CA LEU A 215 12.20 12.67 0.71
C LEU A 215 11.70 11.84 -0.45
N GLY A 216 11.42 10.54 -0.23
CA GLY A 216 10.97 9.82 -1.43
C GLY A 216 10.48 8.41 -1.14
N HIS A 217 10.14 7.68 -2.23
CA HIS A 217 9.21 6.57 -2.08
C HIS A 217 9.70 5.34 -2.86
N SER A 218 10.75 4.69 -2.33
CA SER A 218 11.36 3.57 -3.03
C SER A 218 11.68 2.41 -2.08
N GLY A 219 11.54 2.66 -0.79
CA GLY A 219 11.73 1.59 0.19
C GLY A 219 13.02 1.70 0.97
N PHE A 220 13.01 1.11 2.19
CA PHE A 220 14.15 1.27 3.10
C PHE A 220 15.48 0.85 2.44
N GLU A 221 15.52 -0.21 1.62
CA GLU A 221 16.82 -0.66 1.11
C GLU A 221 17.34 0.39 0.14
N MET A 222 16.46 0.94 -0.70
CA MET A 222 16.91 2.02 -1.57
C MET A 222 17.26 3.26 -0.76
N ASP A 223 16.50 3.52 0.32
CA ASP A 223 16.75 4.71 1.09
C ASP A 223 18.17 4.65 1.66
N LYS A 224 18.58 3.45 2.15
CA LYS A 224 19.93 3.28 2.67
C LYS A 224 20.98 3.54 1.58
N LEU A 225 20.67 3.14 0.35
CA LEU A 225 21.69 3.27 -0.71
C LEU A 225 21.83 4.76 -1.07
N ILE A 226 20.72 5.48 -1.01
CA ILE A 226 20.72 6.91 -1.30
C ILE A 226 21.57 7.59 -0.24
N ALA A 227 21.31 7.25 1.04
CA ALA A 227 22.08 7.78 2.16
C ALA A 227 23.59 7.55 1.92
N GLN A 228 23.95 6.36 1.45
CA GLN A 228 25.35 5.99 1.28
C GLN A 228 25.97 6.70 0.07
N LYS A 229 25.23 6.77 -1.03
CA LYS A 229 25.83 7.05 -2.34
C LYS A 229 25.57 8.48 -2.83
N VAL A 230 24.49 9.14 -2.39
CA VAL A 230 24.21 10.45 -2.98
C VAL A 230 24.92 11.49 -2.14
N ARG A 231 26.07 12.01 -2.63
CA ARG A 231 26.84 12.95 -1.82
C ARG A 231 26.04 14.23 -1.60
N GLY A 232 26.11 14.80 -0.39
CA GLY A 232 25.40 16.02 -0.02
C GLY A 232 24.05 15.78 0.68
N VAL A 233 23.52 14.55 0.62
CA VAL A 233 22.24 14.29 1.30
C VAL A 233 22.49 14.18 2.80
N ASP A 234 21.74 14.96 3.60
CA ASP A 234 21.97 14.99 5.05
C ASP A 234 21.09 14.01 5.82
N VAL A 235 19.89 13.74 5.29
CA VAL A 235 18.83 12.93 5.93
CA VAL A 235 18.93 12.83 5.91
C VAL A 235 18.01 12.30 4.81
N VAL A 236 17.59 11.02 4.99
CA VAL A 236 16.66 10.37 4.07
C VAL A 236 15.37 10.09 4.84
N VAL A 237 14.23 10.52 4.27
CA VAL A 237 12.92 10.28 4.84
C VAL A 237 12.17 9.44 3.85
N GLY A 238 11.80 8.18 4.20
CA GLY A 238 11.41 7.28 3.12
C GLY A 238 10.06 6.66 3.41
N GLY A 239 9.74 5.63 2.63
CA GLY A 239 8.42 5.02 2.57
C GLY A 239 8.45 3.72 1.75
N HIS A 240 7.26 3.28 1.36
CA HIS A 240 7.06 2.23 0.36
C HIS A 240 7.19 0.82 0.98
N SER A 241 8.11 0.63 1.95
CA SER A 241 8.29 -0.67 2.57
C SER A 241 7.59 -0.81 3.92
N ASN A 242 6.81 0.21 4.34
CA ASN A 242 6.16 0.16 5.63
C ASN A 242 7.14 -0.17 6.75
N THR A 243 8.28 0.48 6.72
CA THR A 243 9.34 0.11 7.63
C THR A 243 9.09 0.74 8.99
N PHE A 244 9.17 -0.11 10.02
CA PHE A 244 9.08 0.46 11.36
C PHE A 244 10.46 0.44 12.01
N LEU A 245 10.94 1.65 12.36
CA LEU A 245 12.21 1.86 13.02
C LEU A 245 11.96 2.41 14.41
N TYR A 246 12.73 1.98 15.40
CA TYR A 246 12.43 2.40 16.77
C TYR A 246 13.70 2.22 17.57
N THR A 247 13.97 3.21 18.46
CA THR A 247 15.05 3.08 19.42
C THR A 247 14.49 2.95 20.82
N GLY A 248 14.62 1.72 21.36
CA GLY A 248 14.08 1.44 22.68
C GLY A 248 12.97 0.41 22.61
N ASN A 249 12.13 0.43 23.64
N ASN A 249 12.12 0.36 23.65
CA ASN A 249 11.02 -0.49 23.72
CA ASN A 249 11.06 -0.64 23.68
C ASN A 249 9.98 -0.10 22.69
C ASN A 249 9.92 -0.18 22.80
N PRO A 250 9.48 -1.02 21.84
CA PRO A 250 8.40 -0.68 20.92
C PRO A 250 7.10 -0.33 21.63
N PRO A 251 6.39 0.76 21.25
CA PRO A 251 5.20 1.16 22.00
C PRO A 251 3.93 0.38 21.73
N SER A 252 3.95 -0.46 20.68
CA SER A 252 2.78 -1.18 20.24
C SER A 252 3.25 -2.54 19.73
N LYS A 253 2.57 -3.06 18.71
CA LYS A 253 2.83 -4.45 18.32
C LYS A 253 3.79 -4.54 17.16
N GLU A 254 4.11 -3.39 16.52
CA GLU A 254 5.02 -3.49 15.42
C GLU A 254 6.40 -3.79 15.98
N VAL A 255 7.14 -4.65 15.30
CA VAL A 255 8.47 -5.08 15.71
C VAL A 255 9.46 -4.28 14.87
N PRO A 256 10.39 -3.54 15.45
CA PRO A 256 11.29 -2.68 14.67
C PRO A 256 12.19 -3.47 13.73
N ALA A 257 12.43 -2.90 12.54
CA ALA A 257 13.34 -3.45 11.57
C ALA A 257 14.75 -2.96 11.87
N GLY A 258 14.92 -2.07 12.86
CA GLY A 258 16.18 -1.41 13.13
C GLY A 258 15.95 -0.21 14.03
N LYS A 259 17.04 0.46 14.39
CA LYS A 259 17.02 1.66 15.21
C LYS A 259 16.42 2.86 14.44
N TYR A 260 15.92 3.84 15.21
CA TYR A 260 15.48 5.11 14.65
C TYR A 260 16.32 6.23 15.25
N PRO A 261 17.00 7.06 14.44
CA PRO A 261 17.13 6.88 12.99
C PRO A 261 18.05 5.69 12.67
N PHE A 262 17.97 5.13 11.45
CA PHE A 262 18.98 4.14 11.05
C PHE A 262 20.18 4.91 10.49
N ILE A 263 21.41 4.64 11.02
CA ILE A 263 22.54 5.46 10.62
C ILE A 263 23.31 4.78 9.49
N VAL A 264 23.36 5.43 8.32
CA VAL A 264 24.19 4.97 7.23
C VAL A 264 25.52 5.75 7.30
N THR A 265 26.65 5.03 7.15
CA THR A 265 27.92 5.72 6.95
C THR A 265 28.11 5.92 5.45
N SER A 266 28.11 7.20 5.03
CA SER A 266 28.13 7.50 3.61
C SER A 266 29.53 7.22 3.07
N ASP A 267 29.64 7.06 1.75
CA ASP A 267 30.94 6.89 1.13
C ASP A 267 31.84 8.11 1.34
N ASP A 268 31.26 9.31 1.57
CA ASP A 268 32.07 10.45 2.01
C ASP A 268 32.31 10.46 3.52
N GLY A 269 31.95 9.41 4.25
CA GLY A 269 32.33 9.32 5.64
C GLY A 269 31.50 10.20 6.58
N ARG A 270 30.30 10.65 6.15
CA ARG A 270 29.37 11.29 7.06
C ARG A 270 28.43 10.23 7.65
N LYS A 271 27.79 10.56 8.77
CA LYS A 271 26.72 9.74 9.31
C LYS A 271 25.38 10.30 8.80
N VAL A 272 24.65 9.52 8.00
CA VAL A 272 23.40 9.98 7.41
C VAL A 272 22.23 9.19 8.02
N PRO A 273 21.34 9.85 8.81
CA PRO A 273 20.17 9.21 9.38
C PRO A 273 19.10 8.90 8.32
N VAL A 274 18.52 7.71 8.44
CA VAL A 274 17.49 7.29 7.50
C VAL A 274 16.27 6.96 8.36
N VAL A 275 15.10 7.52 7.99
CA VAL A 275 13.89 7.26 8.77
C VAL A 275 12.72 6.86 7.86
N GLN A 276 11.75 6.17 8.50
CA GLN A 276 10.48 5.78 7.96
C GLN A 276 9.55 5.69 9.17
N ALA A 277 8.24 5.61 8.95
CA ALA A 277 7.29 5.60 10.08
C ALA A 277 6.13 4.66 9.74
N TYR A 278 6.49 3.38 9.43
CA TYR A 278 5.55 2.29 9.29
C TYR A 278 4.54 2.64 8.18
N ALA A 279 3.22 2.69 8.54
CA ALA A 279 2.15 2.90 7.56
C ALA A 279 0.82 3.24 8.24
N PHE A 280 -0.19 3.60 7.41
CA PHE A 280 -1.58 3.67 7.80
C PHE A 280 -1.85 4.80 8.82
N GLY A 281 -0.91 5.76 8.99
CA GLY A 281 -1.09 6.92 9.84
C GLY A 281 -1.05 6.55 11.34
N LYS A 282 -0.61 5.33 11.70
CA LYS A 282 -0.60 4.93 13.11
C LYS A 282 0.45 5.69 13.92
N TYR A 283 1.57 6.08 13.26
CA TYR A 283 2.63 6.79 13.95
C TYR A 283 2.92 8.11 13.22
N LEU A 284 3.45 9.09 14.00
CA LEU A 284 4.04 10.29 13.45
C LEU A 284 5.56 10.21 13.63
N GLY A 285 6.29 10.03 12.52
CA GLY A 285 7.75 10.08 12.59
C GLY A 285 8.21 11.42 13.16
N TYR A 286 9.26 11.41 14.00
CA TYR A 286 9.74 12.65 14.62
C TYR A 286 11.24 12.53 14.77
N LEU A 287 11.97 13.38 14.02
CA LEU A 287 13.42 13.30 14.10
C LEU A 287 13.97 14.69 14.35
N LYS A 288 14.89 14.81 15.31
CA LYS A 288 15.54 16.10 15.54
C LYS A 288 16.97 16.01 15.05
N ILE A 289 17.38 17.02 14.28
CA ILE A 289 18.70 17.07 13.68
C ILE A 289 19.36 18.35 14.10
N GLU A 290 20.58 18.21 14.65
CA GLU A 290 21.27 19.46 14.95
C GLU A 290 22.28 19.66 13.84
N PHE A 291 22.34 20.87 13.30
CA PHE A 291 23.21 21.25 12.20
C PHE A 291 24.17 22.34 12.67
N ASP A 292 25.44 22.23 12.24
CA ASP A 292 26.37 23.33 12.41
C ASP A 292 26.20 24.34 11.27
N GLU A 293 26.88 25.48 11.43
CA GLU A 293 26.92 26.64 10.54
C GLU A 293 27.08 26.22 9.08
N ARG A 294 27.69 25.06 8.81
CA ARG A 294 27.93 24.76 7.40
C ARG A 294 27.03 23.62 6.91
N GLY A 295 25.93 23.37 7.65
CA GLY A 295 24.94 22.36 7.30
C GLY A 295 25.46 20.94 7.49
N ASN A 296 26.42 20.76 8.39
CA ASN A 296 26.85 19.40 8.71
C ASN A 296 26.00 18.92 9.87
N VAL A 297 25.66 17.63 9.83
CA VAL A 297 24.84 17.07 10.90
C VAL A 297 25.74 16.78 12.09
N ILE A 298 25.53 17.51 13.21
CA ILE A 298 26.19 17.23 14.47
C ILE A 298 25.63 15.95 15.07
N SER A 299 24.29 15.86 15.16
CA SER A 299 23.71 14.68 15.75
C SER A 299 22.27 14.62 15.27
N SER A 300 21.64 13.47 15.52
CA SER A 300 20.22 13.39 15.26
C SER A 300 19.63 12.32 16.15
N HIS A 301 18.37 12.50 16.60
CA HIS A 301 17.76 11.49 17.43
C HIS A 301 16.26 11.71 17.38
N GLY A 302 15.52 10.66 17.73
CA GLY A 302 14.09 10.82 17.89
C GLY A 302 13.45 9.44 17.93
N ASN A 303 12.18 9.38 17.44
CA ASN A 303 11.45 8.12 17.42
C ASN A 303 10.07 8.46 16.88
N PRO A 304 9.39 7.48 16.23
CA PRO A 304 8.01 7.71 15.79
C PRO A 304 7.14 7.80 17.04
N ILE A 305 6.05 8.60 16.96
CA ILE A 305 5.13 8.80 18.07
C ILE A 305 3.89 7.98 17.81
N LEU A 306 3.57 7.05 18.72
CA LEU A 306 2.35 6.27 18.52
C LEU A 306 1.11 7.13 18.70
N LEU A 307 0.24 7.22 17.67
CA LEU A 307 -0.91 8.12 17.79
C LEU A 307 -2.10 7.37 18.41
N ASP A 308 -2.01 7.11 19.70
CA ASP A 308 -3.00 6.34 20.43
C ASP A 308 -4.06 7.27 21.02
N SER A 309 -5.06 6.65 21.70
CA SER A 309 -6.26 7.38 22.10
CA SER A 309 -6.27 7.30 22.19
C SER A 309 -5.98 8.39 23.23
N SER A 310 -4.80 8.30 23.89
CA SER A 310 -4.42 9.33 24.84
C SER A 310 -4.31 10.71 24.18
N ILE A 311 -4.14 10.78 22.84
CA ILE A 311 -4.03 12.07 22.14
C ILE A 311 -5.43 12.33 21.59
N PRO A 312 -6.10 13.45 21.97
CA PRO A 312 -7.48 13.72 21.50
C PRO A 312 -7.50 14.01 20.00
N GLU A 313 -8.60 13.63 19.35
CA GLU A 313 -8.78 14.05 17.97
C GLU A 313 -9.18 15.52 18.01
N ASP A 314 -8.58 16.32 17.14
CA ASP A 314 -8.88 17.74 17.12
C ASP A 314 -10.36 17.89 16.73
N PRO A 315 -11.17 18.64 17.52
CA PRO A 315 -12.61 18.65 17.29
C PRO A 315 -13.00 19.18 15.92
N SER A 316 -12.27 20.21 15.46
CA SER A 316 -12.57 20.82 14.19
CA SER A 316 -12.55 20.84 14.19
C SER A 316 -12.31 19.85 13.04
N ILE A 317 -11.14 19.20 13.05
CA ILE A 317 -10.86 18.31 11.94
C ILE A 317 -11.83 17.14 12.02
N LYS A 318 -12.13 16.65 13.22
CA LYS A 318 -13.08 15.56 13.43
C LYS A 318 -14.45 15.91 12.80
N ALA A 319 -14.93 17.14 13.07
CA ALA A 319 -16.23 17.51 12.53
C ALA A 319 -16.18 17.55 10.99
N ASP A 320 -15.06 18.05 10.43
CA ASP A 320 -14.94 18.09 8.98
C ASP A 320 -14.94 16.65 8.41
N ILE A 321 -14.18 15.76 9.08
CA ILE A 321 -14.18 14.34 8.69
C ILE A 321 -15.61 13.81 8.68
N ASN A 322 -16.36 14.08 9.77
CA ASN A 322 -17.74 13.60 9.89
C ASN A 322 -18.59 14.14 8.76
N LYS A 323 -18.40 15.41 8.36
CA LYS A 323 -19.13 15.96 7.22
C LYS A 323 -18.77 15.25 5.92
N TRP A 324 -17.46 15.02 5.67
CA TRP A 324 -17.05 14.29 4.49
C TRP A 324 -17.59 12.86 4.48
N ARG A 325 -17.84 12.29 5.67
CA ARG A 325 -18.26 10.88 5.76
C ARG A 325 -19.70 10.67 5.28
N ILE A 326 -20.52 11.75 5.22
CA ILE A 326 -21.90 11.62 4.75
C ILE A 326 -21.96 11.04 3.34
N LYS A 327 -21.13 11.49 2.39
CA LYS A 327 -21.15 10.94 1.03
C LYS A 327 -20.66 9.49 1.02
N LEU A 328 -19.77 9.13 1.94
CA LEU A 328 -19.26 7.76 1.98
C LEU A 328 -20.39 6.85 2.45
N ASP A 329 -21.07 7.25 3.53
CA ASP A 329 -22.17 6.42 4.00
C ASP A 329 -23.24 6.26 2.91
N ASP A 330 -23.51 7.37 2.19
CA ASP A 330 -24.50 7.34 1.11
C ASP A 330 -24.09 6.31 0.08
N TYR A 331 -22.85 6.45 -0.40
CA TYR A 331 -22.28 5.59 -1.41
C TYR A 331 -22.36 4.12 -0.97
N SER A 332 -22.14 3.84 0.32
CA SER A 332 -21.98 2.49 0.85
CA SER A 332 -21.95 2.45 0.71
C SER A 332 -23.29 1.70 0.77
N THR A 333 -24.40 2.42 0.62
CA THR A 333 -25.67 1.70 0.51
C THR A 333 -26.25 1.74 -0.90
N GLN A 334 -25.53 2.29 -1.89
CA GLN A 334 -26.04 2.27 -3.26
C GLN A 334 -25.76 0.94 -3.97
N GLU A 335 -26.59 0.62 -4.98
CA GLU A 335 -26.40 -0.58 -5.75
C GLU A 335 -25.13 -0.50 -6.58
N LEU A 336 -24.22 -1.46 -6.40
CA LEU A 336 -23.01 -1.51 -7.21
C LEU A 336 -23.30 -2.27 -8.50
N GLY A 337 -24.17 -3.28 -8.37
CA GLY A 337 -24.54 -4.15 -9.47
C GLY A 337 -25.43 -5.23 -8.86
N LYS A 338 -25.68 -6.31 -9.64
CA LYS A 338 -26.61 -7.33 -9.18
C LYS A 338 -25.98 -8.73 -9.26
N THR A 339 -26.46 -9.65 -8.42
CA THR A 339 -26.22 -11.09 -8.53
C THR A 339 -27.57 -11.77 -8.86
N ILE A 340 -27.55 -12.74 -9.76
CA ILE A 340 -28.71 -13.60 -9.96
C ILE A 340 -28.52 -14.95 -9.28
N VAL A 341 -27.43 -15.13 -8.52
CA VAL A 341 -27.18 -16.39 -7.81
C VAL A 341 -27.03 -16.02 -6.35
N TYR A 342 -27.42 -16.94 -5.47
CA TYR A 342 -26.98 -16.80 -4.09
C TYR A 342 -25.45 -16.83 -4.08
N LEU A 343 -24.85 -15.94 -3.27
CA LEU A 343 -23.40 -15.94 -3.18
C LEU A 343 -23.04 -16.62 -1.87
N ASP A 344 -22.67 -17.91 -1.98
CA ASP A 344 -22.48 -18.77 -0.82
C ASP A 344 -21.11 -18.51 -0.22
N GLY A 345 -21.11 -17.62 0.80
CA GLY A 345 -19.92 -17.34 1.61
C GLY A 345 -19.99 -17.99 2.99
N SER A 346 -20.82 -19.02 3.14
CA SER A 346 -20.99 -19.72 4.41
C SER A 346 -19.70 -20.48 4.73
N SER A 347 -19.38 -20.63 6.03
CA SER A 347 -18.21 -21.42 6.35
C SER A 347 -18.41 -22.91 6.00
N GLN A 348 -19.65 -23.41 6.10
CA GLN A 348 -19.95 -24.82 5.86
C GLN A 348 -19.60 -25.16 4.41
N SER A 349 -19.66 -24.18 3.50
CA SER A 349 -19.19 -24.41 2.15
C SER A 349 -17.71 -24.05 2.02
N CYS A 350 -17.35 -22.78 2.27
CA CYS A 350 -16.06 -22.26 1.82
C CYS A 350 -14.90 -22.87 2.62
N ARG A 351 -15.20 -23.50 3.78
CA ARG A 351 -14.15 -24.16 4.56
C ARG A 351 -14.05 -25.64 4.17
N PHE A 352 -14.96 -26.13 3.32
CA PHE A 352 -14.98 -27.56 3.00
C PHE A 352 -14.85 -27.93 1.52
N ARG A 353 -15.18 -27.01 0.62
CA ARG A 353 -15.22 -27.34 -0.79
C ARG A 353 -15.25 -26.02 -1.57
N GLU A 354 -15.15 -26.11 -2.89
CA GLU A 354 -15.29 -24.91 -3.71
C GLU A 354 -16.63 -24.22 -3.39
N CYS A 355 -16.60 -22.90 -3.20
CA CYS A 355 -17.82 -22.17 -2.94
C CYS A 355 -17.86 -21.00 -3.91
N ASN A 356 -19.08 -20.66 -4.35
CA ASN A 356 -19.15 -19.69 -5.42
C ASN A 356 -18.73 -18.29 -4.93
N MET A 357 -18.82 -17.99 -3.62
CA MET A 357 -18.37 -16.66 -3.19
C MET A 357 -16.83 -16.54 -3.31
N GLY A 358 -16.10 -17.62 -2.97
CA GLY A 358 -14.66 -17.76 -3.20
C GLY A 358 -14.30 -17.55 -4.68
N ASN A 359 -15.11 -18.16 -5.54
CA ASN A 359 -14.86 -18.01 -6.97
C ASN A 359 -15.05 -16.55 -7.37
N LEU A 360 -16.13 -15.89 -6.93
CA LEU A 360 -16.35 -14.50 -7.28
C LEU A 360 -15.13 -13.65 -6.89
N ILE A 361 -14.68 -13.81 -5.63
CA ILE A 361 -13.62 -12.95 -5.12
C ILE A 361 -12.33 -13.15 -5.91
N CYS A 362 -12.00 -14.40 -6.21
CA CYS A 362 -10.84 -14.66 -7.02
C CYS A 362 -11.00 -14.14 -8.46
N ASP A 363 -12.20 -14.32 -9.07
CA ASP A 363 -12.43 -13.78 -10.40
C ASP A 363 -12.24 -12.25 -10.40
N ALA A 364 -12.67 -11.63 -9.29
CA ALA A 364 -12.51 -10.18 -9.16
C ALA A 364 -11.01 -9.81 -8.99
N MET A 365 -10.27 -10.65 -8.27
CA MET A 365 -8.85 -10.39 -8.03
C MET A 365 -8.10 -10.42 -9.36
N ILE A 366 -8.41 -11.41 -10.20
CA ILE A 366 -7.73 -11.56 -11.48
CA ILE A 366 -7.72 -11.57 -11.47
C ILE A 366 -8.17 -10.46 -12.43
N ASN A 367 -9.46 -10.10 -12.38
CA ASN A 367 -9.97 -9.09 -13.30
C ASN A 367 -9.38 -7.70 -13.03
N ASN A 368 -8.94 -7.45 -11.79
N ASN A 368 -8.96 -7.44 -11.78
CA ASN A 368 -8.43 -6.14 -11.36
CA ASN A 368 -8.41 -6.16 -11.39
C ASN A 368 -7.02 -5.96 -11.93
C ASN A 368 -7.07 -6.00 -12.12
N ASN A 369 -6.70 -4.77 -12.45
CA ASN A 369 -5.32 -4.53 -12.89
C ASN A 369 -4.87 -5.57 -13.96
N LEU A 370 -5.51 -5.55 -15.14
CA LEU A 370 -5.04 -6.38 -16.25
C LEU A 370 -3.87 -5.62 -16.88
N ARG A 371 -2.81 -6.33 -17.21
CA ARG A 371 -1.65 -5.76 -17.88
C ARG A 371 -1.25 -6.80 -18.91
N HIS A 372 -1.36 -6.45 -20.20
CA HIS A 372 -1.06 -7.39 -21.28
C HIS A 372 0.26 -7.02 -21.95
N ALA A 373 1.02 -8.00 -22.49
CA ALA A 373 2.14 -7.64 -23.38
C ALA A 373 2.15 -8.61 -24.57
N ASP A 374 1.96 -8.06 -25.80
CA ASP A 374 1.83 -8.87 -26.99
C ASP A 374 3.04 -9.83 -27.04
N GLU A 375 2.79 -11.12 -27.30
CA GLU A 375 3.94 -11.96 -27.63
C GLU A 375 4.67 -12.34 -26.34
N MET A 376 4.21 -11.81 -25.20
CA MET A 376 4.90 -12.02 -23.94
C MET A 376 3.94 -12.70 -22.93
N PHE A 377 2.82 -12.08 -22.61
CA PHE A 377 1.87 -12.75 -21.74
C PHE A 377 0.49 -12.20 -22.09
N TRP A 378 -0.54 -13.07 -22.05
CA TRP A 378 -1.89 -12.51 -22.21
C TRP A 378 -2.20 -11.54 -21.05
N ASN A 379 -1.78 -11.94 -19.83
CA ASN A 379 -1.95 -11.12 -18.63
C ASN A 379 -0.82 -11.53 -17.69
N HIS A 380 -0.40 -10.59 -16.83
CA HIS A 380 0.81 -10.78 -16.03
C HIS A 380 0.51 -11.78 -14.92
N VAL A 381 -0.76 -11.90 -14.56
CA VAL A 381 -1.08 -12.85 -13.51
C VAL A 381 -2.33 -13.65 -13.89
N SER A 382 -2.36 -14.93 -13.50
CA SER A 382 -3.48 -15.79 -13.90
C SER A 382 -4.07 -16.58 -12.74
N MET A 383 -3.53 -16.41 -11.53
CA MET A 383 -3.79 -17.36 -10.44
C MET A 383 -4.13 -16.59 -9.16
N CYS A 384 -5.03 -17.15 -8.34
CA CYS A 384 -5.50 -16.51 -7.13
C CYS A 384 -5.70 -17.62 -6.09
N ILE A 385 -5.35 -17.32 -4.83
CA ILE A 385 -5.76 -18.18 -3.72
C ILE A 385 -6.30 -17.30 -2.62
N LEU A 386 -7.25 -17.86 -1.86
CA LEU A 386 -8.01 -17.09 -0.87
C LEU A 386 -8.41 -18.09 0.22
N ASN A 387 -7.98 -17.83 1.48
CA ASN A 387 -8.35 -18.74 2.55
C ASN A 387 -9.84 -18.61 2.85
N GLY A 388 -10.52 -19.76 2.87
CA GLY A 388 -11.96 -19.77 3.15
C GLY A 388 -12.39 -19.04 4.44
N GLY A 389 -11.55 -19.08 5.50
CA GLY A 389 -11.84 -18.34 6.72
C GLY A 389 -11.86 -16.83 6.54
N GLY A 390 -11.27 -16.30 5.45
CA GLY A 390 -11.29 -14.86 5.20
C GLY A 390 -12.67 -14.43 4.69
N ILE A 391 -13.48 -15.43 4.29
CA ILE A 391 -14.81 -15.14 3.76
C ILE A 391 -15.80 -15.18 4.92
N ARG A 392 -16.51 -14.05 5.21
CA ARG A 392 -17.13 -13.98 6.52
C ARG A 392 -18.65 -13.89 6.45
N SER A 393 -19.25 -13.85 5.25
CA SER A 393 -20.70 -13.81 5.10
C SER A 393 -21.05 -14.32 3.70
N PRO A 394 -22.22 -14.97 3.51
CA PRO A 394 -22.86 -14.99 2.18
C PRO A 394 -23.50 -13.64 1.80
N ILE A 395 -23.98 -13.56 0.54
CA ILE A 395 -24.84 -12.46 0.14
C ILE A 395 -26.05 -13.07 -0.54
N ASP A 396 -27.22 -12.70 0.01
CA ASP A 396 -28.51 -13.11 -0.50
C ASP A 396 -28.89 -12.37 -1.78
N GLU A 397 -29.35 -13.13 -2.82
CA GLU A 397 -29.70 -12.55 -4.09
C GLU A 397 -31.14 -12.05 -4.11
N ARG A 398 -31.90 -12.25 -3.04
CA ARG A 398 -33.33 -11.98 -3.13
C ARG A 398 -33.66 -10.54 -2.72
N ASN A 399 -32.66 -9.66 -2.65
CA ASN A 399 -32.95 -8.25 -2.44
C ASN A 399 -32.96 -7.57 -3.81
N ASP A 400 -33.79 -8.08 -4.74
CA ASP A 400 -33.71 -7.60 -6.11
C ASP A 400 -32.33 -7.83 -6.74
N GLY A 401 -31.58 -8.78 -6.20
CA GLY A 401 -30.23 -9.03 -6.71
C GLY A 401 -29.20 -7.96 -6.34
N THR A 402 -29.62 -6.83 -5.74
CA THR A 402 -28.71 -5.73 -5.40
C THR A 402 -27.57 -6.20 -4.53
N ILE A 403 -26.35 -5.72 -4.87
CA ILE A 403 -25.20 -5.83 -4.00
C ILE A 403 -24.68 -4.42 -3.69
N THR A 404 -24.43 -4.15 -2.40
CA THR A 404 -23.90 -2.85 -1.97
C THR A 404 -22.53 -3.05 -1.34
N TRP A 405 -21.81 -1.94 -1.22
CA TRP A 405 -20.52 -1.93 -0.55
C TRP A 405 -20.65 -2.47 0.87
N GLU A 406 -21.71 -2.06 1.60
CA GLU A 406 -22.02 -2.58 2.91
C GLU A 406 -22.19 -4.11 2.92
N ASN A 407 -22.85 -4.69 1.90
CA ASN A 407 -22.95 -6.15 1.85
C ASN A 407 -21.54 -6.74 1.70
N LEU A 408 -20.69 -6.13 0.88
CA LEU A 408 -19.37 -6.68 0.66
C LEU A 408 -18.53 -6.53 1.93
N ALA A 409 -18.83 -5.50 2.77
CA ALA A 409 -18.08 -5.32 4.02
C ALA A 409 -18.40 -6.44 5.02
N ALA A 410 -19.58 -7.07 4.95
CA ALA A 410 -19.87 -8.20 5.82
C ALA A 410 -19.03 -9.41 5.42
N VAL A 411 -18.81 -9.55 4.09
CA VAL A 411 -18.07 -10.70 3.56
C VAL A 411 -16.59 -10.47 3.82
N LEU A 412 -16.11 -9.24 3.57
CA LEU A 412 -14.70 -8.88 3.76
C LEU A 412 -14.57 -7.71 4.76
N PRO A 413 -14.53 -8.00 6.07
CA PRO A 413 -14.56 -6.93 7.07
C PRO A 413 -13.23 -6.49 7.67
N PHE A 414 -12.08 -7.07 7.23
CA PHE A 414 -10.81 -6.89 7.91
C PHE A 414 -9.97 -5.74 7.39
N GLY A 415 -10.36 -5.11 6.28
CA GLY A 415 -9.67 -3.91 5.81
C GLY A 415 -8.36 -4.22 5.08
N GLY A 416 -8.22 -5.47 4.63
CA GLY A 416 -7.02 -5.99 3.98
C GLY A 416 -6.96 -5.63 2.50
N THR A 417 -5.87 -6.07 1.86
CA THR A 417 -5.64 -5.82 0.46
C THR A 417 -5.50 -7.18 -0.25
N PHE A 418 -5.62 -7.14 -1.59
CA PHE A 418 -5.30 -8.28 -2.44
C PHE A 418 -3.97 -7.96 -3.09
N ASP A 419 -2.94 -8.73 -2.74
CA ASP A 419 -1.56 -8.40 -3.05
C ASP A 419 -1.03 -9.42 -4.06
N LEU A 420 0.07 -9.04 -4.72
CA LEU A 420 0.67 -9.94 -5.70
C LEU A 420 1.95 -10.51 -5.12
N VAL A 421 2.12 -11.83 -5.13
CA VAL A 421 3.38 -12.38 -4.71
C VAL A 421 3.91 -13.30 -5.82
N GLN A 422 5.21 -13.62 -5.71
CA GLN A 422 5.85 -14.57 -6.62
C GLN A 422 6.24 -15.75 -5.77
N LEU A 423 5.76 -16.96 -6.12
CA LEU A 423 5.94 -18.17 -5.37
C LEU A 423 6.49 -19.21 -6.33
N LYS A 424 7.50 -19.95 -5.88
CA LYS A 424 7.77 -21.22 -6.54
C LYS A 424 6.61 -22.21 -6.45
N GLY A 425 6.51 -23.06 -7.51
CA GLY A 425 5.58 -24.17 -7.51
C GLY A 425 5.67 -25.02 -6.25
N SER A 426 6.91 -25.28 -5.77
CA SER A 426 7.02 -26.11 -4.58
C SER A 426 6.30 -25.46 -3.41
N THR A 427 6.49 -24.15 -3.24
CA THR A 427 5.84 -23.40 -2.19
C THR A 427 4.31 -23.52 -2.30
N LEU A 428 3.80 -23.33 -3.53
CA LEU A 428 2.35 -23.37 -3.69
CA LEU A 428 2.37 -23.39 -3.78
C LEU A 428 1.81 -24.77 -3.47
N LYS A 429 2.57 -25.82 -3.86
CA LYS A 429 2.16 -27.20 -3.55
C LYS A 429 2.09 -27.37 -2.03
N LYS A 430 3.09 -26.87 -1.29
CA LYS A 430 3.02 -26.88 0.17
C LYS A 430 1.80 -26.13 0.71
N ALA A 431 1.45 -24.95 0.12
CA ALA A 431 0.24 -24.23 0.52
C ALA A 431 -1.01 -25.09 0.35
N PHE A 432 -1.10 -25.80 -0.78
CA PHE A 432 -2.26 -26.64 -1.03
C PHE A 432 -2.28 -27.88 -0.12
N GLU A 433 -1.09 -28.41 0.25
CA GLU A 433 -1.14 -29.45 1.27
C GLU A 433 -1.59 -28.89 2.62
N HIS A 434 -1.14 -27.68 2.95
CA HIS A 434 -1.56 -27.07 4.21
C HIS A 434 -3.08 -26.88 4.20
N SER A 435 -3.63 -26.50 3.05
CA SER A 435 -5.06 -26.27 2.85
C SER A 435 -5.87 -27.41 3.42
N VAL A 436 -5.39 -28.66 3.28
CA VAL A 436 -6.22 -29.80 3.67
C VAL A 436 -5.50 -30.68 4.71
N HIS A 437 -4.49 -30.14 5.39
CA HIS A 437 -3.65 -31.03 6.20
C HIS A 437 -4.45 -31.60 7.37
N ARG A 438 -5.40 -30.85 7.91
CA ARG A 438 -6.27 -31.34 8.98
C ARG A 438 -7.74 -31.13 8.59
N TYR A 439 -8.05 -31.57 7.36
CA TYR A 439 -9.31 -31.26 6.74
C TYR A 439 -10.42 -31.86 7.59
N GLY A 440 -11.50 -31.13 7.76
CA GLY A 440 -12.72 -31.70 8.34
C GLY A 440 -13.11 -31.02 9.64
N GLN A 441 -12.29 -30.08 10.14
CA GLN A 441 -12.58 -29.44 11.42
C GLN A 441 -13.12 -28.02 11.16
N SER A 442 -13.32 -27.63 9.89
CA SER A 442 -13.87 -26.32 9.59
C SER A 442 -12.89 -25.21 9.96
N THR A 443 -11.62 -25.40 9.62
CA THR A 443 -10.63 -24.39 9.93
C THR A 443 -10.51 -23.48 8.71
N GLY A 444 -10.00 -22.27 8.92
CA GLY A 444 -10.06 -21.24 7.90
C GLY A 444 -9.08 -21.41 6.73
N GLU A 445 -8.11 -22.35 6.84
CA GLU A 445 -7.00 -22.37 5.88
C GLU A 445 -7.39 -23.02 4.53
N PHE A 446 -8.54 -23.68 4.42
CA PHE A 446 -8.91 -24.31 3.15
C PHE A 446 -9.01 -23.24 2.03
N LEU A 447 -8.36 -23.47 0.87
CA LEU A 447 -8.18 -22.44 -0.12
C LEU A 447 -9.28 -22.48 -1.21
N GLN A 448 -9.86 -21.31 -1.47
CA GLN A 448 -10.62 -21.07 -2.69
C GLN A 448 -9.63 -20.51 -3.72
N VAL A 449 -9.94 -20.68 -5.00
CA VAL A 449 -8.92 -20.50 -6.02
C VAL A 449 -9.53 -19.77 -7.23
N GLY A 450 -8.61 -19.30 -8.06
CA GLY A 450 -8.96 -18.95 -9.44
C GLY A 450 -7.76 -19.23 -10.34
N GLY A 451 -8.02 -19.70 -11.57
CA GLY A 451 -6.86 -19.94 -12.43
C GLY A 451 -6.08 -21.20 -12.01
N ILE A 452 -6.68 -22.05 -11.15
CA ILE A 452 -6.04 -23.26 -10.57
C ILE A 452 -7.08 -24.38 -10.55
N HIS A 453 -6.67 -25.61 -10.92
CA HIS A 453 -7.52 -26.78 -10.83
C HIS A 453 -6.77 -27.75 -9.93
N VAL A 454 -7.31 -27.98 -8.73
CA VAL A 454 -6.63 -28.82 -7.77
C VAL A 454 -7.53 -30.03 -7.55
N VAL A 455 -6.89 -31.21 -7.32
CA VAL A 455 -7.60 -32.43 -6.91
C VAL A 455 -6.88 -32.99 -5.68
N TYR A 456 -7.68 -33.26 -4.66
CA TYR A 456 -7.11 -33.79 -3.43
C TYR A 456 -7.61 -35.23 -3.30
N ASP A 457 -6.82 -36.06 -2.60
CA ASP A 457 -7.24 -37.39 -2.19
C ASP A 457 -7.01 -37.44 -0.67
N LEU A 458 -8.09 -37.21 0.09
CA LEU A 458 -8.01 -37.04 1.53
C LEU A 458 -7.65 -38.36 2.23
N SER A 459 -7.74 -39.46 1.50
CA SER A 459 -7.33 -40.76 2.04
C SER A 459 -5.80 -40.89 2.13
N ARG A 460 -5.05 -39.98 1.51
CA ARG A 460 -3.60 -39.98 1.62
C ARG A 460 -3.16 -39.34 2.95
N LYS A 461 -1.88 -39.54 3.32
CA LYS A 461 -1.35 -38.94 4.53
C LYS A 461 -1.36 -37.42 4.38
N PRO A 462 -1.56 -36.66 5.49
CA PRO A 462 -1.35 -35.22 5.47
C PRO A 462 0.01 -34.92 4.85
N GLY A 463 0.04 -33.90 4.00
CA GLY A 463 1.28 -33.52 3.35
C GLY A 463 1.43 -34.22 2.01
N ASP A 464 0.59 -35.21 1.73
CA ASP A 464 0.70 -35.88 0.44
C ASP A 464 -0.69 -36.07 -0.19
N ARG A 465 -1.60 -35.12 0.06
CA ARG A 465 -2.99 -35.26 -0.38
C ARG A 465 -3.26 -34.56 -1.73
N VAL A 466 -2.36 -33.68 -2.17
CA VAL A 466 -2.62 -33.04 -3.47
C VAL A 466 -2.25 -33.99 -4.60
N VAL A 467 -3.23 -34.44 -5.41
CA VAL A 467 -2.93 -35.45 -6.40
C VAL A 467 -2.95 -34.84 -7.80
N LYS A 468 -3.50 -33.65 -7.94
CA LYS A 468 -3.37 -33.03 -9.24
C LYS A 468 -3.37 -31.53 -8.99
N LEU A 469 -2.51 -30.77 -9.69
CA LEU A 469 -2.48 -29.34 -9.46
C LEU A 469 -2.05 -28.68 -10.78
N ASP A 470 -3.07 -28.18 -11.50
CA ASP A 470 -2.85 -27.60 -12.81
C ASP A 470 -3.10 -26.10 -12.66
N VAL A 471 -2.42 -25.26 -13.49
CA VAL A 471 -2.55 -23.82 -13.32
C VAL A 471 -2.52 -23.14 -14.68
N LEU A 472 -3.21 -21.99 -14.77
CA LEU A 472 -3.36 -21.29 -16.03
C LEU A 472 -2.02 -20.63 -16.40
N CYS A 473 -1.58 -20.90 -17.63
CA CYS A 473 -0.36 -20.27 -18.13
C CYS A 473 -0.56 -18.74 -18.21
N THR A 474 0.59 -18.03 -18.16
CA THR A 474 0.64 -16.59 -18.44
C THR A 474 1.38 -16.35 -19.75
N SER A 475 2.53 -17.03 -19.95
CA SER A 475 3.31 -16.94 -21.17
C SER A 475 2.68 -17.77 -22.30
N CYS A 476 1.57 -17.30 -22.83
CA CYS A 476 0.80 -18.06 -23.81
C CYS A 476 -0.17 -17.01 -24.36
N ARG A 477 -0.57 -17.19 -25.61
CA ARG A 477 -1.56 -16.26 -26.16
C ARG A 477 -2.98 -16.77 -25.89
N VAL A 478 -3.12 -18.11 -25.78
CA VAL A 478 -4.41 -18.68 -25.40
C VAL A 478 -4.25 -19.30 -24.01
N PRO A 479 -4.95 -18.81 -22.98
CA PRO A 479 -4.79 -19.36 -21.63
C PRO A 479 -5.27 -20.82 -21.57
N SER A 480 -4.46 -21.71 -21.00
CA SER A 480 -4.84 -23.09 -20.79
C SER A 480 -4.13 -23.61 -19.54
N TYR A 481 -4.54 -24.78 -19.05
CA TYR A 481 -4.00 -25.25 -17.79
C TYR A 481 -2.88 -26.27 -18.04
N ASP A 482 -1.75 -26.10 -17.34
CA ASP A 482 -0.59 -26.97 -17.40
C ASP A 482 -0.31 -27.46 -15.97
N PRO A 483 0.36 -28.62 -15.78
CA PRO A 483 0.77 -29.05 -14.44
C PRO A 483 1.69 -28.02 -13.81
N LEU A 484 1.53 -27.83 -12.50
CA LEU A 484 2.41 -26.95 -11.76
CA LEU A 484 2.41 -26.96 -11.72
C LEU A 484 3.81 -27.55 -11.75
N LYS A 485 4.82 -26.70 -11.95
CA LYS A 485 6.22 -27.16 -11.95
C LYS A 485 6.90 -26.66 -10.66
N MET A 486 7.64 -27.56 -9.99
N MET A 486 7.66 -27.55 -10.01
CA MET A 486 8.15 -27.28 -8.65
CA MET A 486 8.10 -27.25 -8.65
C MET A 486 9.07 -26.06 -8.64
C MET A 486 9.13 -26.12 -8.60
N ASP A 487 9.90 -25.91 -9.68
CA ASP A 487 10.92 -24.87 -9.66
C ASP A 487 10.47 -23.57 -10.33
N GLU A 488 9.32 -23.64 -11.00
CA GLU A 488 8.90 -22.44 -11.74
C GLU A 488 8.26 -21.44 -10.76
N VAL A 489 8.35 -20.14 -11.07
CA VAL A 489 7.87 -19.06 -10.20
C VAL A 489 6.56 -18.55 -10.80
N TYR A 490 5.53 -18.52 -9.96
CA TYR A 490 4.18 -18.15 -10.37
C TYR A 490 3.78 -16.88 -9.68
N LYS A 491 3.12 -16.01 -10.43
CA LYS A 491 2.53 -14.83 -9.79
C LYS A 491 1.16 -15.27 -9.29
N VAL A 492 0.82 -14.90 -8.03
CA VAL A 492 -0.45 -15.26 -7.44
C VAL A 492 -0.98 -14.05 -6.71
N ILE A 493 -2.28 -13.72 -6.92
CA ILE A 493 -2.94 -12.70 -6.14
C ILE A 493 -3.54 -13.39 -4.94
N LEU A 494 -3.34 -12.80 -3.74
CA LEU A 494 -3.90 -13.43 -2.54
C LEU A 494 -4.00 -12.35 -1.48
N PRO A 495 -4.74 -12.60 -0.39
CA PRO A 495 -4.88 -11.61 0.67
C PRO A 495 -3.54 -11.30 1.35
N ASN A 496 -3.35 -10.02 1.69
CA ASN A 496 -2.16 -9.63 2.48
C ASN A 496 -2.04 -10.48 3.75
N PHE A 497 -3.18 -10.92 4.30
CA PHE A 497 -3.17 -11.85 5.42
C PHE A 497 -2.30 -13.09 5.15
N LEU A 498 -2.56 -13.77 4.02
CA LEU A 498 -1.78 -14.93 3.59
C LEU A 498 -0.34 -14.56 3.21
N ALA A 499 -0.14 -13.44 2.52
CA ALA A 499 1.22 -13.05 2.17
C ALA A 499 2.12 -12.98 3.41
N ASN A 500 1.52 -12.55 4.54
CA ASN A 500 2.18 -12.40 5.83
C ASN A 500 2.10 -13.67 6.67
N GLY A 501 1.70 -14.81 6.07
CA GLY A 501 1.81 -16.11 6.70
C GLY A 501 0.63 -16.43 7.61
N GLY A 502 -0.48 -15.68 7.48
CA GLY A 502 -1.62 -15.97 8.32
C GLY A 502 -2.18 -17.36 8.05
N ASP A 503 -2.99 -17.88 9.01
CA ASP A 503 -3.66 -19.17 8.87
C ASP A 503 -2.64 -20.31 8.75
N GLY A 504 -1.42 -20.06 9.26
CA GLY A 504 -0.37 -21.06 9.34
C GLY A 504 0.28 -21.25 7.97
N PHE A 505 0.10 -20.30 7.04
CA PHE A 505 0.75 -20.43 5.73
C PHE A 505 2.16 -19.86 5.82
N GLN A 506 2.94 -20.38 6.76
CA GLN A 506 4.26 -19.83 7.04
C GLN A 506 5.13 -19.93 5.78
N MET A 507 4.96 -21.02 5.02
CA MET A 507 5.76 -21.21 3.81
C MET A 507 5.59 -20.04 2.83
N ILE A 508 4.40 -19.41 2.77
CA ILE A 508 4.23 -18.30 1.84
C ILE A 508 5.12 -17.13 2.28
N LYS A 509 5.01 -16.74 3.56
CA LYS A 509 5.84 -15.68 4.11
C LYS A 509 7.33 -15.97 3.92
N ASP A 510 7.74 -17.18 4.28
CA ASP A 510 9.16 -17.48 4.32
C ASP A 510 9.77 -17.69 2.94
N GLU A 511 8.97 -18.13 1.93
CA GLU A 511 9.57 -18.61 0.68
C GLU A 511 9.24 -17.71 -0.53
N LEU A 512 8.30 -16.76 -0.36
CA LEU A 512 7.99 -15.86 -1.48
C LEU A 512 9.22 -15.09 -1.93
N LEU A 513 9.25 -14.75 -3.21
CA LEU A 513 10.41 -14.09 -3.81
CA LEU A 513 10.40 -14.10 -3.83
C LEU A 513 10.11 -12.62 -4.00
N ARG A 514 8.83 -12.23 -4.02
CA ARG A 514 8.47 -10.83 -4.16
C ARG A 514 7.06 -10.70 -3.60
N HIS A 515 6.77 -9.48 -3.08
CA HIS A 515 5.48 -9.14 -2.50
C HIS A 515 5.18 -7.66 -2.75
N ASP A 516 4.11 -7.37 -3.51
CA ASP A 516 3.68 -6.00 -3.80
C ASP A 516 2.28 -5.86 -3.21
N SER A 517 1.98 -4.72 -2.56
CA SER A 517 0.67 -4.58 -1.96
CA SER A 517 0.69 -4.49 -1.92
C SER A 517 -0.29 -3.94 -2.96
N GLY A 518 -1.52 -4.49 -3.01
CA GLY A 518 -2.48 -4.01 -4.01
C GLY A 518 -3.62 -3.21 -3.38
N ASP A 519 -4.82 -3.31 -3.98
N ASP A 519 -4.81 -3.26 -3.98
CA ASP A 519 -5.98 -2.51 -3.62
CA ASP A 519 -5.90 -2.38 -3.55
C ASP A 519 -6.68 -3.08 -2.38
C ASP A 519 -6.69 -3.05 -2.42
N GLN A 520 -7.59 -2.29 -1.77
CA GLN A 520 -8.34 -2.77 -0.64
C GLN A 520 -9.27 -3.87 -1.15
N ASP A 521 -9.41 -4.93 -0.36
CA ASP A 521 -10.20 -6.12 -0.67
C ASP A 521 -11.61 -5.76 -1.15
N ILE A 522 -12.36 -4.97 -0.37
CA ILE A 522 -13.72 -4.66 -0.79
C ILE A 522 -13.73 -3.91 -2.13
N ASN A 523 -12.83 -2.93 -2.29
CA ASN A 523 -12.74 -2.17 -3.53
C ASN A 523 -12.57 -3.07 -4.77
N VAL A 524 -11.68 -4.06 -4.67
CA VAL A 524 -11.47 -4.97 -5.78
C VAL A 524 -12.79 -5.67 -6.16
N VAL A 525 -13.50 -6.17 -5.17
CA VAL A 525 -14.73 -6.88 -5.50
C VAL A 525 -15.80 -5.91 -6.02
N SER A 526 -15.90 -4.71 -5.39
CA SER A 526 -16.93 -3.78 -5.88
CA SER A 526 -16.88 -3.72 -5.85
C SER A 526 -16.65 -3.34 -7.32
N THR A 527 -15.36 -3.06 -7.65
CA THR A 527 -15.05 -2.65 -9.02
C THR A 527 -15.49 -3.75 -10.01
N TYR A 528 -15.22 -5.01 -9.69
CA TYR A 528 -15.57 -6.08 -10.61
C TYR A 528 -17.10 -6.19 -10.81
N ILE A 529 -17.84 -6.08 -9.72
CA ILE A 529 -19.30 -6.18 -9.78
C ILE A 529 -19.87 -5.01 -10.60
N SER A 530 -19.33 -3.79 -10.39
N SER A 530 -19.32 -3.82 -10.31
CA SER A 530 -19.76 -2.65 -11.18
CA SER A 530 -19.61 -2.63 -11.07
C SER A 530 -19.45 -2.85 -12.65
C SER A 530 -19.47 -2.90 -12.56
N LYS A 531 -18.30 -3.46 -12.93
CA LYS A 531 -17.93 -3.69 -14.34
C LYS A 531 -18.88 -4.72 -14.98
N MET A 532 -19.13 -5.83 -14.26
CA MET A 532 -19.87 -6.95 -14.83
C MET A 532 -21.36 -6.65 -14.95
N LYS A 533 -21.87 -5.78 -14.06
CA LYS A 533 -23.29 -5.39 -13.96
C LYS A 533 -24.18 -6.49 -13.34
N VAL A 534 -24.03 -7.72 -13.81
CA VAL A 534 -24.83 -8.82 -13.30
C VAL A 534 -23.89 -10.01 -13.22
N ILE A 535 -23.75 -10.65 -12.06
CA ILE A 535 -22.78 -11.73 -11.92
C ILE A 535 -23.54 -13.03 -11.64
N TYR A 536 -22.87 -14.16 -11.96
CA TYR A 536 -23.45 -15.45 -11.64
C TYR A 536 -22.36 -16.51 -11.47
N PRO A 537 -21.47 -16.36 -10.47
CA PRO A 537 -20.38 -17.30 -10.27
C PRO A 537 -20.96 -18.69 -9.92
N ALA A 538 -20.39 -19.73 -10.51
CA ALA A 538 -20.81 -21.12 -10.31
C ALA A 538 -19.75 -21.92 -9.58
N VAL A 539 -20.15 -23.05 -8.99
CA VAL A 539 -19.20 -24.07 -8.52
C VAL A 539 -18.96 -24.95 -9.74
N GLU A 540 -17.71 -25.04 -10.22
CA GLU A 540 -17.51 -25.54 -11.55
C GLU A 540 -16.34 -26.51 -11.65
N GLY A 541 -15.76 -26.92 -10.50
CA GLY A 541 -14.80 -28.01 -10.53
C GLY A 541 -13.36 -27.49 -10.43
N ARG A 542 -13.19 -26.25 -9.94
CA ARG A 542 -11.85 -25.73 -9.66
C ARG A 542 -11.20 -26.53 -8.53
N ILE A 543 -12.02 -27.05 -7.61
CA ILE A 543 -11.48 -27.88 -6.54
C ILE A 543 -12.29 -29.17 -6.55
N LYS A 544 -11.62 -30.33 -6.56
CA LYS A 544 -12.31 -31.61 -6.52
C LYS A 544 -11.58 -32.57 -5.57
N PHE A 545 -12.32 -33.60 -5.14
CA PHE A 545 -11.84 -34.61 -4.22
C PHE A 545 -11.93 -35.96 -4.95
N SER A 546 -10.91 -36.82 -4.87
CA SER A 546 -11.02 -38.08 -5.59
C SER A 546 -11.37 -39.17 -4.60
ZN ZN B . 2.38 2.12 0.36
ZN ZN C . 4.57 2.42 -2.18
CA CA D . 24.79 19.29 4.51
N1 DCM E . -8.61 -13.84 8.93
C2 DCM E . -8.29 -13.24 7.71
N3 DCM E . -7.87 -11.95 7.73
C4 DCM E . -7.70 -11.31 8.91
C5 DCM E . -8.03 -11.91 10.16
C6 DCM E . -8.49 -13.17 10.11
O2 DCM E . -8.41 -13.93 6.67
N4 DCM E . -7.26 -10.07 8.84
C1' DCM E . -9.07 -15.22 8.85
C2' DCM E . -8.09 -16.25 9.40
C3' DCM E . -9.05 -17.35 9.79
C4' DCM E . -10.34 -16.61 10.18
O4' DCM E . -10.19 -15.27 9.70
O3' DCM E . -9.26 -18.19 8.64
C5' DCM E . -10.62 -16.50 11.66
O5' DCM E . -10.79 -17.83 12.16
P DCM E . -12.22 -18.22 12.82
O1P DCM E . -13.32 -17.66 11.96
O2P DCM E . -12.17 -19.76 12.81
O3P DCM E . -12.14 -17.48 14.14
#